data_1JUU
#
_entry.id   1JUU
#
_cell.length_a   ?
_cell.length_b   ?
_cell.length_c   ?
_cell.angle_alpha   ?
_cell.angle_beta   ?
_cell.angle_gamma   ?
#
loop_
_entity.id
_entity.type
_entity.pdbx_description
1 polymer "5'-D(P*CP*CP*AP*TP*AP*AP*TP*TP*TP*AP*CP*C)-3'"
2 polymer "5'-D(P*CP*CP*TP*AP*TP*TP*AP*AP*AP*TP*CP*C)-3'"
#
loop_
_entity_poly.entity_id
_entity_poly.type
_entity_poly.pdbx_seq_one_letter_code
_entity_poly.pdbx_strand_id
1 'polydeoxyribonucleotide' (DC)(DC)(DA)(DT)(DA)(DA)(DT)(DT)(DT)(DA)(DC)(DC) A
2 'polydeoxyribonucleotide' (DC)(DC)(DT)(DA)(DT)(DT)(DA)(DA)(DA)(DT)(DC)(DC) B
#
loop_
_chem_comp.id
_chem_comp.type
_chem_comp.name
_chem_comp.formula
DA DNA linking 2'-DEOXYADENOSINE-5'-MONOPHOSPHATE 'C10 H14 N5 O6 P'
DC DNA linking 2'-DEOXYCYTIDINE-5'-MONOPHOSPHATE 'C9 H14 N3 O7 P'
DT DNA linking THYMIDINE-5'-MONOPHOSPHATE 'C10 H15 N2 O8 P'
#